data_6O1T
#
_entry.id   6O1T
#
_cell.length_a   83.750
_cell.length_b   61.400
_cell.length_c   91.090
_cell.angle_alpha   90.00
_cell.angle_beta   107.74
_cell.angle_gamma   90.00
#
_symmetry.space_group_name_H-M   'C 1 2 1'
#
loop_
_entity.id
_entity.type
_entity.pdbx_description
1 polymer 'Short palate, lung and nasal epithelium carcinoma-associated protein 2B'
2 non-polymer 'CALCIUM ION'
3 non-polymer 'OLEIC ACID'
4 water water
#
_entity_poly.entity_id   1
_entity_poly.type   'polypeptide(L)'
_entity_poly.pdbx_seq_one_letter_code
;VLRKLKSGLERGLDTFDSTIEIIMQNLKTELESRCSDEVVEQQETENFLEQLISRIFQVVSRLTGVRIRNVQVPDITMEA
TSENSANVLIPITADVTVSLPFLGEIVDLDLNVDLQTTVSIETDTEDPQVVVGECTNNPESISLTVLHSRFGLVNDVVDI
GVNLARRVVSSVVEGELCPRFRELLESLDAECVEKLIGESQ
;
_entity_poly.pdbx_strand_id   A,B
#
# COMPACT_ATOMS: atom_id res chain seq x y z
N VAL A 1 -1.00 -7.09 24.32
CA VAL A 1 -1.12 -5.62 24.53
C VAL A 1 -0.63 -4.90 23.26
N LEU A 2 -1.00 -3.63 23.10
CA LEU A 2 -0.54 -2.75 21.99
C LEU A 2 0.63 -1.88 22.48
N ARG A 3 1.42 -2.39 23.42
CA ARG A 3 2.64 -1.74 23.97
C ARG A 3 3.52 -1.27 22.80
N LYS A 4 3.82 -2.18 21.87
CA LYS A 4 4.76 -1.91 20.75
C LYS A 4 4.24 -0.72 19.95
N LEU A 5 2.94 -0.70 19.66
CA LEU A 5 2.30 0.39 18.88
C LEU A 5 2.34 1.69 19.70
N LYS A 6 2.12 1.62 21.01
CA LYS A 6 2.04 2.77 21.93
C LYS A 6 3.41 3.47 22.00
N SER A 7 4.48 2.68 22.18
CA SER A 7 5.89 3.16 22.12
C SER A 7 6.18 3.71 20.73
N GLY A 8 5.77 3.01 19.67
CA GLY A 8 5.97 3.45 18.28
C GLY A 8 5.29 4.78 18.03
N LEU A 9 4.09 4.97 18.54
CA LEU A 9 3.33 6.23 18.33
C LEU A 9 3.96 7.37 19.11
N GLU A 10 4.54 7.09 20.29
CA GLU A 10 5.24 8.11 21.12
C GLU A 10 6.46 8.66 20.37
N ARG A 11 7.22 7.79 19.70
CA ARG A 11 8.42 8.16 18.89
C ARG A 11 8.00 8.89 17.62
N GLY A 12 6.87 8.48 17.02
CA GLY A 12 6.44 8.86 15.67
C GLY A 12 6.68 7.71 14.72
N LEU A 13 5.65 7.25 14.02
CA LEU A 13 5.77 6.06 13.12
C LEU A 13 6.77 6.36 12.01
N ASP A 14 7.07 7.64 11.75
CA ASP A 14 8.03 8.10 10.70
C ASP A 14 9.47 7.76 11.09
N THR A 15 9.72 7.37 12.34
CA THR A 15 11.07 6.91 12.81
C THR A 15 11.31 5.47 12.36
N PHE A 16 10.30 4.79 11.78
CA PHE A 16 10.43 3.40 11.28
C PHE A 16 10.55 3.39 9.76
N ASP A 17 10.36 4.52 9.08
CA ASP A 17 10.31 4.56 7.60
C ASP A 17 10.57 5.97 7.07
N SER A 18 11.80 6.19 6.54
CA SER A 18 12.32 7.52 6.12
C SER A 18 11.42 8.13 5.04
N THR A 19 10.61 7.32 4.34
CA THR A 19 9.83 7.76 3.15
C THR A 19 8.62 8.59 3.59
N ILE A 20 8.05 8.37 4.78
CA ILE A 20 6.89 9.18 5.25
C ILE A 20 7.22 10.69 5.15
N GLU A 21 8.33 11.11 5.75
CA GLU A 21 8.86 12.51 5.76
C GLU A 21 8.94 13.07 4.34
N ILE A 22 9.41 12.24 3.40
CA ILE A 22 9.61 12.63 1.97
C ILE A 22 8.22 12.89 1.35
N ILE A 23 7.27 11.96 1.56
CA ILE A 23 5.87 12.09 1.06
C ILE A 23 5.24 13.34 1.69
N MET A 24 5.47 13.61 2.98
CA MET A 24 4.97 14.84 3.65
C MET A 24 5.43 16.06 2.83
N GLN A 25 6.72 16.14 2.52
CA GLN A 25 7.29 17.31 1.79
C GLN A 25 6.72 17.38 0.37
N ASN A 26 6.47 16.23 -0.25
CA ASN A 26 5.83 16.17 -1.60
C ASN A 26 4.43 16.77 -1.51
N LEU A 27 3.68 16.47 -0.44
CA LEU A 27 2.32 17.01 -0.23
C LEU A 27 2.39 18.53 -0.03
N LYS A 28 3.35 19.03 0.76
CA LYS A 28 3.57 20.49 1.02
C LYS A 28 3.67 21.26 -0.32
N THR A 29 4.61 20.85 -1.18
CA THR A 29 4.90 21.52 -2.47
C THR A 29 3.66 21.42 -3.37
N GLU A 30 3.03 20.25 -3.45
CA GLU A 30 1.84 19.99 -4.30
C GLU A 30 0.70 20.95 -3.89
N LEU A 31 0.60 21.29 -2.61
CA LEU A 31 -0.48 22.15 -2.06
C LEU A 31 -0.28 23.61 -2.49
N GLU A 32 0.95 24.12 -2.59
CA GLU A 32 1.23 25.48 -3.17
C GLU A 32 0.31 25.73 -4.38
N SER A 33 0.21 24.77 -5.29
CA SER A 33 -0.67 24.80 -6.48
C SER A 33 -2.08 24.35 -6.11
N GLN A 43 -6.67 15.76 -8.11
CA GLN A 43 -6.45 14.37 -8.62
C GLN A 43 -5.20 13.79 -7.92
N GLU A 44 -4.08 14.51 -8.01
CA GLU A 44 -2.71 14.07 -7.60
C GLU A 44 -2.52 14.18 -6.08
N THR A 45 -3.08 15.23 -5.46
CA THR A 45 -2.94 15.50 -4.00
C THR A 45 -3.55 14.30 -3.26
N GLU A 46 -4.71 13.85 -3.72
CA GLU A 46 -5.42 12.65 -3.18
C GLU A 46 -4.51 11.42 -3.32
N ASN A 47 -3.82 11.27 -4.46
CA ASN A 47 -2.85 10.18 -4.71
C ASN A 47 -1.71 10.25 -3.67
N PHE A 48 -1.10 11.41 -3.46
CA PHE A 48 -0.04 11.61 -2.42
C PHE A 48 -0.59 11.27 -1.02
N LEU A 49 -1.85 11.61 -0.73
CA LEU A 49 -2.49 11.28 0.58
C LEU A 49 -2.66 9.76 0.73
N GLU A 50 -3.10 9.07 -0.32
CA GLU A 50 -3.20 7.58 -0.33
C GLU A 50 -1.82 7.00 0.05
N GLN A 51 -0.74 7.51 -0.55
CA GLN A 51 0.65 7.07 -0.29
C GLN A 51 1.04 7.31 1.18
N LEU A 52 0.87 8.55 1.67
CA LEU A 52 1.20 8.91 3.09
C LEU A 52 0.47 7.94 4.02
N ILE A 53 -0.82 7.73 3.82
CA ILE A 53 -1.66 6.96 4.79
C ILE A 53 -1.28 5.47 4.75
N SER A 54 -1.09 4.89 3.55
CA SER A 54 -0.60 3.50 3.31
C SER A 54 0.68 3.26 4.09
N ARG A 55 1.63 4.18 4.00
CA ARG A 55 2.97 3.96 4.60
C ARG A 55 2.82 3.95 6.13
N ILE A 56 2.06 4.90 6.67
CA ILE A 56 1.76 4.96 8.14
C ILE A 56 1.15 3.62 8.56
N PHE A 57 0.17 3.15 7.80
CA PHE A 57 -0.50 1.85 8.09
C PHE A 57 0.42 0.66 7.82
N GLN A 58 1.39 0.75 6.90
CA GLN A 58 2.39 -0.33 6.70
C GLN A 58 3.22 -0.48 7.96
N VAL A 59 3.63 0.63 8.62
CA VAL A 59 4.39 0.59 9.90
C VAL A 59 3.52 -0.05 11.01
N VAL A 60 2.22 0.25 11.04
CA VAL A 60 1.27 -0.29 12.06
C VAL A 60 1.16 -1.81 11.87
N SER A 61 1.13 -2.28 10.63
CA SER A 61 1.15 -3.72 10.23
C SER A 61 2.37 -4.44 10.82
N ARG A 62 3.52 -3.76 10.89
CA ARG A 62 4.78 -4.34 11.44
C ARG A 62 4.73 -4.38 12.97
N LEU A 63 3.93 -3.53 13.63
CA LEU A 63 3.90 -3.42 15.12
C LEU A 63 2.72 -4.19 15.72
N THR A 64 1.70 -4.49 14.91
CA THR A 64 0.43 -5.11 15.37
C THR A 64 0.00 -6.17 14.36
N GLY A 65 -1.01 -6.96 14.71
CA GLY A 65 -1.62 -7.92 13.78
C GLY A 65 -2.76 -7.30 13.02
N VAL A 66 -2.91 -5.98 13.13
CA VAL A 66 -3.95 -5.20 12.39
C VAL A 66 -3.30 -4.65 11.12
N ARG A 67 -3.66 -5.25 9.99
CA ARG A 67 -3.06 -4.98 8.66
C ARG A 67 -4.11 -4.25 7.83
N ILE A 68 -3.80 -3.00 7.49
CA ILE A 68 -4.71 -2.05 6.80
C ILE A 68 -4.07 -1.67 5.47
N ARG A 69 -4.68 -2.09 4.35
CA ARG A 69 -4.19 -2.06 2.96
C ARG A 69 -5.22 -1.36 2.07
N ASN A 70 -4.90 -1.16 0.79
CA ASN A 70 -5.86 -0.72 -0.26
C ASN A 70 -6.51 0.60 0.19
N VAL A 71 -5.67 1.52 0.64
CA VAL A 71 -6.10 2.84 1.17
C VAL A 71 -6.53 3.71 -0.02
N GLN A 72 -7.75 4.24 0.03
CA GLN A 72 -8.23 5.22 -0.98
C GLN A 72 -8.75 6.49 -0.31
N VAL A 73 -8.57 7.61 -1.00
CA VAL A 73 -9.21 8.91 -0.69
C VAL A 73 -10.09 9.28 -1.87
N PRO A 74 -11.38 8.89 -1.86
CA PRO A 74 -12.29 9.16 -2.98
C PRO A 74 -12.27 10.60 -3.47
N ASP A 75 -12.60 11.59 -2.63
CA ASP A 75 -12.65 13.03 -3.00
C ASP A 75 -12.50 13.92 -1.75
N ILE A 76 -11.55 14.84 -1.79
CA ILE A 76 -11.37 15.89 -0.75
C ILE A 76 -12.37 17.01 -1.03
N THR A 77 -13.21 17.33 -0.04
CA THR A 77 -14.31 18.31 -0.12
C THR A 77 -14.01 19.47 0.84
N MET A 78 -14.54 20.65 0.54
CA MET A 78 -14.51 21.84 1.45
C MET A 78 -15.92 22.42 1.51
N GLU A 79 -16.52 22.43 2.71
CA GLU A 79 -17.88 22.97 2.94
C GLU A 79 -17.75 24.26 3.77
N ALA A 80 -18.12 25.41 3.17
CA ALA A 80 -18.18 26.72 3.86
C ALA A 80 -19.14 26.61 5.04
N THR A 81 -18.66 26.93 6.25
CA THR A 81 -19.45 26.99 7.50
C THR A 81 -19.90 28.42 7.75
N SER A 82 -19.14 29.41 7.28
CA SER A 82 -19.48 30.85 7.32
C SER A 82 -18.75 31.54 6.16
N GLU A 83 -18.77 32.88 6.13
CA GLU A 83 -18.11 33.68 5.07
C GLU A 83 -16.58 33.54 5.20
N ASN A 84 -16.08 33.24 6.40
CA ASN A 84 -14.62 33.28 6.74
C ASN A 84 -14.14 31.93 7.31
N SER A 85 -14.90 30.84 7.13
CA SER A 85 -14.59 29.51 7.73
C SER A 85 -15.15 28.39 6.84
N ALA A 86 -14.46 27.25 6.82
CA ALA A 86 -14.90 26.04 6.09
C ALA A 86 -14.38 24.81 6.80
N ASN A 87 -15.15 23.71 6.73
CA ASN A 87 -14.66 22.36 7.07
C ASN A 87 -13.93 21.83 5.84
N VAL A 88 -12.73 21.28 6.06
CA VAL A 88 -11.99 20.43 5.09
C VAL A 88 -12.24 18.97 5.45
N LEU A 89 -12.79 18.19 4.50
CA LEU A 89 -13.22 16.78 4.66
C LEU A 89 -12.31 15.85 3.85
N ILE A 90 -11.81 14.79 4.49
CA ILE A 90 -10.93 13.73 3.90
C ILE A 90 -11.54 12.36 4.19
N PRO A 91 -12.25 11.75 3.21
CA PRO A 91 -12.81 10.41 3.37
C PRO A 91 -11.73 9.37 3.03
N ILE A 92 -11.52 8.40 3.92
CA ILE A 92 -10.54 7.30 3.74
C ILE A 92 -11.30 5.97 3.75
N THR A 93 -11.01 5.11 2.78
CA THR A 93 -11.42 3.68 2.77
C THR A 93 -10.15 2.82 2.82
N ALA A 94 -10.26 1.63 3.40
CA ALA A 94 -9.17 0.63 3.43
C ALA A 94 -9.76 -0.73 3.75
N ASP A 95 -9.04 -1.77 3.34
CA ASP A 95 -9.32 -3.18 3.68
C ASP A 95 -8.49 -3.49 4.93
N VAL A 96 -9.08 -4.16 5.89
CA VAL A 96 -8.40 -4.51 7.17
C VAL A 96 -8.48 -6.02 7.36
N THR A 97 -7.38 -6.62 7.79
CA THR A 97 -7.35 -8.02 8.28
C THR A 97 -6.68 -8.02 9.64
N VAL A 98 -7.33 -8.63 10.63
CA VAL A 98 -6.80 -8.80 12.00
C VAL A 98 -6.30 -10.24 12.12
N SER A 99 -5.08 -10.40 12.58
CA SER A 99 -4.41 -11.69 12.85
C SER A 99 -4.02 -11.72 14.33
N LEU A 100 -4.15 -12.87 14.98
CA LEU A 100 -3.65 -13.06 16.37
C LEU A 100 -2.68 -14.24 16.35
N PRO A 101 -1.79 -14.37 17.35
CA PRO A 101 -0.95 -15.57 17.46
C PRO A 101 -1.79 -16.85 17.55
N PHE A 102 -1.35 -17.90 16.84
CA PHE A 102 -1.90 -19.28 16.82
C PHE A 102 -3.15 -19.37 15.93
N LEU A 103 -3.98 -18.34 15.89
CA LEU A 103 -5.28 -18.34 15.17
C LEU A 103 -5.08 -17.89 13.72
N GLY A 104 -4.02 -17.14 13.45
CA GLY A 104 -3.86 -16.44 12.16
C GLY A 104 -4.97 -15.42 11.95
N GLU A 105 -5.52 -15.36 10.74
CA GLU A 105 -6.49 -14.32 10.31
C GLU A 105 -7.84 -14.56 10.97
N ILE A 106 -8.31 -13.65 11.83
CA ILE A 106 -9.57 -13.85 12.62
C ILE A 106 -10.73 -13.13 11.94
N VAL A 107 -10.49 -12.05 11.19
CA VAL A 107 -11.60 -11.26 10.57
C VAL A 107 -11.02 -10.36 9.47
N ASP A 108 -11.80 -10.16 8.40
CA ASP A 108 -11.62 -9.14 7.34
C ASP A 108 -12.71 -8.09 7.52
N LEU A 109 -12.33 -6.81 7.57
CA LEU A 109 -13.24 -5.66 7.77
C LEU A 109 -13.07 -4.66 6.63
N ASP A 110 -14.13 -3.94 6.30
CA ASP A 110 -14.07 -2.66 5.55
C ASP A 110 -13.92 -1.51 6.55
N LEU A 111 -12.94 -0.63 6.32
CA LEU A 111 -12.71 0.58 7.16
C LEU A 111 -13.15 1.83 6.41
N ASN A 112 -13.96 2.67 7.04
CA ASN A 112 -14.21 4.08 6.62
C ASN A 112 -13.75 4.99 7.74
N VAL A 113 -12.89 5.96 7.41
CA VAL A 113 -12.51 7.06 8.34
C VAL A 113 -12.84 8.37 7.63
N ASP A 114 -13.54 9.26 8.34
CA ASP A 114 -13.82 10.65 7.89
C ASP A 114 -13.07 11.60 8.82
N LEU A 115 -11.94 12.12 8.36
CA LEU A 115 -11.19 13.19 9.06
C LEU A 115 -11.79 14.54 8.67
N GLN A 116 -12.01 15.40 9.66
CA GLN A 116 -12.56 16.77 9.45
C GLN A 116 -11.72 17.75 10.28
N THR A 117 -11.36 18.89 9.70
CA THR A 117 -10.77 20.02 10.46
C THR A 117 -11.27 21.31 9.83
N THR A 118 -11.25 22.41 10.58
CA THR A 118 -11.71 23.73 10.08
C THR A 118 -10.50 24.61 9.80
N VAL A 119 -10.62 25.49 8.81
CA VAL A 119 -9.70 26.62 8.54
C VAL A 119 -10.54 27.91 8.60
N SER A 120 -10.06 28.90 9.37
CA SER A 120 -10.69 30.25 9.48
C SER A 120 -9.68 31.31 9.07
N ILE A 121 -10.18 32.41 8.51
CA ILE A 121 -9.42 33.67 8.29
C ILE A 121 -9.97 34.70 9.28
N GLU A 122 -9.09 35.33 10.07
CA GLU A 122 -9.43 36.45 10.98
C GLU A 122 -10.01 37.60 10.15
N THR A 123 -11.16 38.15 10.60
CA THR A 123 -11.91 39.23 9.92
C THR A 123 -11.21 40.58 10.15
N ASP A 124 -11.61 41.60 9.37
CA ASP A 124 -11.28 43.05 9.54
C ASP A 124 -9.78 43.33 9.31
N THR A 125 -9.19 42.84 8.20
CA THR A 125 -7.76 43.08 7.85
C THR A 125 -7.48 42.60 6.41
N GLU A 126 -6.59 43.32 5.72
CA GLU A 126 -6.06 42.96 4.37
C GLU A 126 -4.88 42.00 4.51
N ASP A 127 -4.38 41.81 5.74
CA ASP A 127 -3.30 40.86 6.09
C ASP A 127 -3.88 39.76 6.96
N PRO A 128 -4.79 38.91 6.42
CA PRO A 128 -5.50 37.93 7.24
C PRO A 128 -4.59 36.81 7.79
N GLN A 129 -4.75 36.48 9.07
CA GLN A 129 -4.12 35.31 9.73
C GLN A 129 -5.06 34.10 9.54
N VAL A 130 -4.48 32.95 9.18
CA VAL A 130 -5.20 31.65 9.12
C VAL A 130 -5.11 30.96 10.50
N VAL A 131 -6.23 30.47 11.01
CA VAL A 131 -6.27 29.53 12.17
C VAL A 131 -6.78 28.18 11.65
N VAL A 132 -6.04 27.09 11.91
CA VAL A 132 -6.57 25.73 11.65
C VAL A 132 -7.12 25.20 12.99
N GLY A 133 -8.39 24.81 13.01
CA GLY A 133 -9.08 24.31 14.21
C GLY A 133 -8.59 22.93 14.58
N GLU A 134 -9.30 22.29 15.48
CA GLU A 134 -8.95 20.97 16.04
C GLU A 134 -9.25 19.91 14.99
N CYS A 135 -8.55 18.79 15.07
CA CYS A 135 -8.86 17.55 14.31
C CYS A 135 -9.37 16.51 15.30
N THR A 136 -10.69 16.42 15.45
CA THR A 136 -11.34 15.63 16.54
C THR A 136 -11.39 14.15 16.11
N ASN A 137 -10.87 13.27 16.96
CA ASN A 137 -10.91 11.79 16.81
C ASN A 137 -12.24 11.26 17.39
N ASN A 138 -13.36 11.53 16.70
CA ASN A 138 -14.69 11.09 17.15
C ASN A 138 -14.87 9.60 16.80
N PRO A 139 -15.27 8.74 17.77
CA PRO A 139 -15.56 7.34 17.46
C PRO A 139 -16.58 7.14 16.32
N GLU A 140 -17.52 8.07 16.14
CA GLU A 140 -18.57 8.03 15.09
C GLU A 140 -17.94 8.24 13.71
N SER A 141 -16.71 8.76 13.65
CA SER A 141 -15.97 9.02 12.38
C SER A 141 -15.23 7.76 11.91
N ILE A 142 -15.09 6.74 12.77
CA ILE A 142 -14.45 5.44 12.44
C ILE A 142 -15.54 4.37 12.30
N SER A 143 -15.62 3.75 11.12
CA SER A 143 -16.64 2.73 10.81
C SER A 143 -15.93 1.45 10.33
N LEU A 144 -16.25 0.33 10.97
CA LEU A 144 -15.68 -1.01 10.67
C LEU A 144 -16.85 -1.96 10.38
N THR A 145 -16.89 -2.52 9.17
CA THR A 145 -17.91 -3.50 8.73
C THR A 145 -17.23 -4.86 8.58
N VAL A 146 -17.85 -5.91 9.13
CA VAL A 146 -17.36 -7.31 9.05
C VAL A 146 -17.66 -7.83 7.65
N LEU A 147 -16.67 -8.34 6.94
CA LEU A 147 -16.88 -9.01 5.61
C LEU A 147 -16.83 -10.54 5.78
N HIS A 148 -15.89 -11.07 6.56
CA HIS A 148 -15.52 -12.51 6.53
C HIS A 148 -14.77 -12.92 7.80
N SER A 149 -15.10 -14.10 8.33
CA SER A 149 -14.31 -14.81 9.37
C SER A 149 -14.40 -16.31 9.09
N ARG A 150 -13.25 -16.97 9.06
CA ARG A 150 -13.18 -18.44 8.82
C ARG A 150 -13.71 -19.17 10.05
N PHE A 151 -13.84 -18.47 11.19
CA PHE A 151 -14.40 -18.97 12.47
C PHE A 151 -15.93 -18.76 12.57
N GLY A 152 -16.58 -18.18 11.57
CA GLY A 152 -18.01 -17.83 11.62
C GLY A 152 -18.22 -16.39 12.05
N LEU A 153 -19.20 -15.71 11.46
CA LEU A 153 -19.47 -14.26 11.62
C LEU A 153 -20.00 -13.95 13.03
N VAL A 154 -20.71 -14.91 13.66
CA VAL A 154 -21.31 -14.76 15.01
C VAL A 154 -20.32 -15.20 16.10
N ASN A 155 -19.12 -15.69 15.74
CA ASN A 155 -18.12 -16.17 16.73
C ASN A 155 -17.58 -14.98 17.53
N ASP A 156 -17.16 -15.20 18.78
CA ASP A 156 -16.69 -14.10 19.68
C ASP A 156 -15.34 -13.56 19.19
N VAL A 157 -14.59 -14.33 18.39
CA VAL A 157 -13.27 -13.87 17.88
C VAL A 157 -13.51 -12.63 17.03
N VAL A 158 -14.58 -12.58 16.24
CA VAL A 158 -14.87 -11.41 15.37
C VAL A 158 -14.93 -10.13 16.21
N ASP A 159 -15.72 -10.12 17.28
CA ASP A 159 -15.90 -8.95 18.19
C ASP A 159 -14.52 -8.50 18.71
N ILE A 160 -13.69 -9.44 19.12
CA ILE A 160 -12.32 -9.16 19.62
C ILE A 160 -11.50 -8.54 18.48
N GLY A 161 -11.65 -9.07 17.26
CA GLY A 161 -10.99 -8.55 16.05
C GLY A 161 -11.38 -7.12 15.76
N VAL A 162 -12.68 -6.84 15.73
CA VAL A 162 -13.26 -5.49 15.46
C VAL A 162 -12.80 -4.53 16.54
N ASN A 163 -12.83 -4.95 17.81
CA ASN A 163 -12.40 -4.11 18.94
C ASN A 163 -10.91 -3.80 18.80
N LEU A 164 -10.07 -4.79 18.49
CA LEU A 164 -8.61 -4.54 18.39
C LEU A 164 -8.34 -3.56 17.23
N ALA A 165 -9.02 -3.73 16.09
CA ALA A 165 -8.86 -2.83 14.91
C ALA A 165 -9.27 -1.40 15.28
N ARG A 166 -10.40 -1.25 15.96
CA ARG A 166 -10.91 0.07 16.39
C ARG A 166 -9.84 0.77 17.23
N ARG A 167 -9.29 0.09 18.23
CA ARG A 167 -8.27 0.67 19.13
C ARG A 167 -7.07 1.15 18.30
N VAL A 168 -6.60 0.31 17.39
CA VAL A 168 -5.38 0.63 16.58
C VAL A 168 -5.67 1.86 15.73
N VAL A 169 -6.80 1.84 15.01
CA VAL A 169 -7.17 2.92 14.05
C VAL A 169 -7.37 4.22 14.84
N SER A 170 -8.03 4.13 15.99
CA SER A 170 -8.31 5.31 16.84
C SER A 170 -6.97 5.92 17.28
N SER A 171 -6.02 5.09 17.74
CA SER A 171 -4.75 5.58 18.28
C SER A 171 -3.87 6.15 17.13
N VAL A 172 -3.96 5.63 15.90
CA VAL A 172 -3.12 6.22 14.82
C VAL A 172 -3.85 7.43 14.21
N VAL A 173 -5.18 7.53 14.26
CA VAL A 173 -5.83 8.83 13.94
C VAL A 173 -5.31 9.94 14.90
N GLU A 174 -5.32 9.68 16.20
CA GLU A 174 -4.94 10.68 17.24
C GLU A 174 -3.44 11.00 17.07
N GLY A 175 -2.61 9.97 16.87
CA GLY A 175 -1.14 10.08 16.97
C GLY A 175 -0.48 10.55 15.67
N GLU A 176 -1.10 10.30 14.51
CA GLU A 176 -0.44 10.46 13.20
C GLU A 176 -1.31 11.28 12.25
N LEU A 177 -2.52 10.85 11.97
CA LEU A 177 -3.29 11.39 10.83
C LEU A 177 -3.78 12.79 11.16
N CYS A 178 -4.41 13.00 12.32
CA CYS A 178 -4.97 14.32 12.70
C CYS A 178 -3.85 15.34 12.80
N PRO A 179 -2.74 15.04 13.51
CA PRO A 179 -1.58 15.94 13.53
C PRO A 179 -1.03 16.29 12.14
N ARG A 180 -0.93 15.33 11.23
CA ARG A 180 -0.37 15.59 9.86
C ARG A 180 -1.38 16.39 9.03
N PHE A 181 -2.68 16.13 9.22
CA PHE A 181 -3.76 16.91 8.58
C PHE A 181 -3.63 18.39 9.01
N ARG A 182 -3.44 18.66 10.30
CA ARG A 182 -3.28 20.04 10.82
C ARG A 182 -1.96 20.61 10.25
N GLU A 183 -0.86 19.86 10.32
CA GLU A 183 0.47 20.29 9.84
C GLU A 183 0.39 20.69 8.36
N LEU A 184 -0.36 19.94 7.53
CA LEU A 184 -0.43 20.20 6.07
C LEU A 184 -1.27 21.45 5.80
N LEU A 185 -2.34 21.69 6.56
CA LEU A 185 -3.17 22.92 6.48
C LEU A 185 -2.35 24.15 6.90
N GLU A 186 -1.55 24.05 7.95
CA GLU A 186 -0.69 25.16 8.45
C GLU A 186 0.40 25.53 7.43
N SER A 187 0.68 24.67 6.45
CA SER A 187 1.72 24.89 5.41
C SER A 187 1.18 25.81 4.31
N LEU A 188 -0.15 25.95 4.20
CA LEU A 188 -0.82 26.82 3.18
C LEU A 188 -0.56 28.28 3.53
N ASP A 189 -0.28 29.11 2.51
CA ASP A 189 -0.18 30.58 2.63
C ASP A 189 -1.61 31.13 2.85
N ALA A 190 -1.73 32.27 3.52
CA ALA A 190 -3.01 32.84 4.02
C ALA A 190 -3.96 33.12 2.83
N GLU A 191 -3.42 33.64 1.73
CA GLU A 191 -4.20 34.02 0.51
C GLU A 191 -4.84 32.75 -0.07
N CYS A 192 -4.08 31.65 -0.11
CA CYS A 192 -4.52 30.34 -0.67
C CYS A 192 -5.80 29.91 0.07
N VAL A 193 -5.73 29.92 1.42
CA VAL A 193 -6.87 29.58 2.33
C VAL A 193 -8.06 30.51 2.03
N GLU A 194 -7.82 31.83 1.96
CA GLU A 194 -8.85 32.86 1.68
C GLU A 194 -9.52 32.55 0.33
N LYS A 195 -8.72 32.18 -0.69
CA LYS A 195 -9.20 31.87 -2.06
C LYS A 195 -10.07 30.60 -2.02
N LEU A 196 -9.65 29.58 -1.28
CA LEU A 196 -10.36 28.26 -1.20
C LEU A 196 -11.66 28.39 -0.39
N ILE A 197 -11.65 29.16 0.70
CA ILE A 197 -12.87 29.50 1.52
C ILE A 197 -13.82 30.30 0.62
N GLY A 198 -13.28 31.13 -0.28
CA GLY A 198 -14.03 31.69 -1.43
C GLY A 198 -14.56 30.56 -2.30
N GLU A 199 -15.77 30.74 -2.85
CA GLU A 199 -16.55 29.76 -3.68
C GLU A 199 -16.62 28.36 -3.05
N SER A 200 -16.36 28.22 -1.75
CA SER A 200 -16.93 27.14 -0.90
C SER A 200 -18.41 27.47 -0.64
N GLN A 201 -18.75 28.76 -0.70
CA GLN A 201 -20.13 29.31 -0.61
C GLN A 201 -20.96 28.80 -1.80
N VAL B 1 11.57 6.89 -22.80
CA VAL B 1 10.17 6.47 -22.59
C VAL B 1 10.04 5.77 -21.22
N LEU B 2 10.83 4.73 -20.95
CA LEU B 2 10.98 4.05 -19.63
C LEU B 2 12.42 4.20 -19.14
N ARG B 3 13.15 5.22 -19.60
CA ARG B 3 14.58 5.46 -19.24
C ARG B 3 14.72 5.43 -17.72
N LYS B 4 13.87 6.20 -17.01
CA LYS B 4 14.01 6.40 -15.54
C LYS B 4 13.85 5.04 -14.84
N LEU B 5 12.89 4.22 -15.29
CA LEU B 5 12.70 2.85 -14.72
C LEU B 5 13.91 1.97 -15.07
N LYS B 6 14.44 2.07 -16.28
CA LYS B 6 15.57 1.25 -16.79
C LYS B 6 16.85 1.55 -15.98
N SER B 7 17.14 2.84 -15.75
CA SER B 7 18.23 3.31 -14.85
C SER B 7 17.98 2.81 -13.44
N GLY B 8 16.75 2.98 -12.93
CA GLY B 8 16.34 2.47 -11.60
C GLY B 8 16.60 0.97 -11.47
N LEU B 9 16.24 0.19 -12.48
CA LEU B 9 16.38 -1.29 -12.44
C LEU B 9 17.86 -1.66 -12.48
N GLU B 10 18.70 -0.92 -13.20
CA GLU B 10 20.17 -1.18 -13.29
C GLU B 10 20.83 -0.98 -11.92
N ARG B 11 20.42 0.04 -11.17
CA ARG B 11 20.93 0.33 -9.79
C ARG B 11 20.41 -0.72 -8.81
N GLY B 12 19.17 -1.19 -9.02
CA GLY B 12 18.40 -2.00 -8.05
C GLY B 12 17.36 -1.13 -7.39
N LEU B 13 16.07 -1.50 -7.47
CA LEU B 13 14.98 -0.63 -6.95
C LEU B 13 15.15 -0.43 -5.44
N ASP B 14 15.89 -1.34 -4.78
CA ASP B 14 16.13 -1.32 -3.31
C ASP B 14 17.06 -0.14 -2.93
N THR B 15 17.71 0.51 -3.89
CA THR B 15 18.54 1.71 -3.65
C THR B 15 17.65 2.94 -3.46
N PHE B 16 16.34 2.83 -3.70
CA PHE B 16 15.38 3.95 -3.54
C PHE B 16 14.56 3.79 -2.26
N ASP B 17 14.68 2.66 -1.55
CA ASP B 17 13.83 2.40 -0.37
C ASP B 17 14.48 1.34 0.53
N SER B 18 15.06 1.79 1.64
CA SER B 18 15.86 1.00 2.60
C SER B 18 15.02 -0.16 3.18
N THR B 19 13.68 -0.08 3.13
CA THR B 19 12.79 -1.07 3.78
C THR B 19 12.75 -2.38 2.97
N ILE B 20 12.95 -2.35 1.65
CA ILE B 20 12.91 -3.59 0.80
C ILE B 20 13.87 -4.63 1.41
N GLU B 21 15.14 -4.27 1.62
CA GLU B 21 16.20 -5.19 2.08
C GLU B 21 15.84 -5.73 3.46
N ILE B 22 15.17 -4.92 4.32
CA ILE B 22 14.74 -5.36 5.68
C ILE B 22 13.67 -6.45 5.52
N ILE B 23 12.67 -6.20 4.66
CA ILE B 23 11.57 -7.18 4.36
C ILE B 23 12.18 -8.46 3.78
N MET B 24 13.17 -8.34 2.89
CA MET B 24 13.90 -9.51 2.33
C MET B 24 14.42 -10.36 3.50
N GLN B 25 15.13 -9.74 4.46
CA GLN B 25 15.76 -10.45 5.60
C GLN B 25 14.66 -11.06 6.48
N ASN B 26 13.53 -10.37 6.65
CA ASN B 26 12.37 -10.88 7.43
C ASN B 26 11.88 -12.18 6.79
N LEU B 27 11.78 -12.21 5.45
CA LEU B 27 11.33 -13.41 4.70
C LEU B 27 12.33 -14.56 4.90
N LYS B 28 13.64 -14.29 4.83
CA LYS B 28 14.71 -15.31 5.00
C LYS B 28 14.54 -16.04 6.33
N THR B 29 14.51 -15.28 7.44
CA THR B 29 14.41 -15.83 8.82
C THR B 29 13.10 -16.60 8.96
N GLU B 30 11.98 -16.03 8.48
CA GLU B 30 10.63 -16.62 8.57
C GLU B 30 10.61 -18.00 7.87
N LEU B 31 11.35 -18.16 6.78
CA LEU B 31 11.41 -19.42 5.99
C LEU B 31 12.17 -20.50 6.79
N GLU B 32 13.31 -20.11 7.36
CA GLU B 32 14.18 -21.03 8.15
C GLU B 32 13.30 -21.79 9.15
N SER B 33 12.33 -21.11 9.77
CA SER B 33 11.33 -21.71 10.70
C SER B 33 10.20 -22.36 9.90
N ARG B 34 10.55 -23.31 9.02
CA ARG B 34 9.59 -24.23 8.35
C ARG B 34 9.91 -25.65 8.80
N GLN B 43 -0.43 -18.73 4.91
CA GLN B 43 -0.47 -17.27 5.27
C GLN B 43 0.78 -16.92 6.07
N GLU B 44 1.05 -15.62 6.20
CA GLU B 44 2.13 -15.00 7.01
C GLU B 44 3.36 -14.79 6.10
N THR B 45 3.98 -15.86 5.57
CA THR B 45 5.06 -15.76 4.56
C THR B 45 4.49 -15.02 3.33
N GLU B 46 3.26 -15.39 2.94
CA GLU B 46 2.50 -14.72 1.86
C GLU B 46 2.29 -13.23 2.20
N ASN B 47 1.98 -12.92 3.46
CA ASN B 47 1.81 -11.52 3.94
C ASN B 47 3.15 -10.77 3.79
N PHE B 48 4.28 -11.33 4.21
CA PHE B 48 5.65 -10.73 4.00
C PHE B 48 5.91 -10.53 2.49
N LEU B 49 5.47 -11.48 1.65
CA LEU B 49 5.65 -11.37 0.17
C LEU B 49 4.81 -10.23 -0.40
N GLU B 50 3.56 -10.09 0.05
CA GLU B 50 2.69 -8.95 -0.35
C GLU B 50 3.43 -7.64 -0.04
N GLN B 51 4.04 -7.52 1.14
CA GLN B 51 4.80 -6.31 1.57
C GLN B 51 5.99 -6.06 0.65
N LEU B 52 6.83 -7.08 0.43
CA LEU B 52 8.02 -6.97 -0.45
C LEU B 52 7.58 -6.45 -1.83
N ILE B 53 6.53 -7.04 -2.40
CA ILE B 53 6.15 -6.75 -3.82
C ILE B 53 5.54 -5.35 -3.91
N SER B 54 4.66 -4.97 -2.96
CA SER B 54 4.05 -3.61 -2.81
C SER B 54 5.15 -2.54 -2.83
N ARG B 55 6.20 -2.76 -2.07
CA ARG B 55 7.27 -1.76 -1.90
C ARG B 55 8.02 -1.60 -3.23
N ILE B 56 8.34 -2.72 -3.87
CA ILE B 56 9.02 -2.72 -5.21
C ILE B 56 8.13 -1.92 -6.17
N PHE B 57 6.83 -2.18 -6.18
CA PHE B 57 5.89 -1.46 -7.06
C PHE B 57 5.70 0.00 -6.61
N GLN B 58 5.84 0.32 -5.32
CA GLN B 58 5.79 1.75 -4.85
C GLN B 58 6.95 2.53 -5.49
N VAL B 59 8.14 1.92 -5.60
CA VAL B 59 9.32 2.53 -6.27
C VAL B 59 9.03 2.73 -7.76
N VAL B 60 8.37 1.77 -8.40
CA VAL B 60 8.04 1.82 -9.86
C VAL B 60 7.07 2.98 -10.10
N SER B 61 6.12 3.19 -9.19
CA SER B 61 5.16 4.33 -9.19
C SER B 61 5.91 5.67 -9.20
N ARG B 62 7.08 5.76 -8.54
CA ARG B 62 7.93 6.98 -8.50
C ARG B 62 8.70 7.17 -9.81
N LEU B 63 8.95 6.11 -10.59
CA LEU B 63 9.76 6.17 -11.83
C LEU B 63 8.87 6.23 -13.08
N THR B 64 7.60 5.86 -12.99
CA THR B 64 6.66 5.73 -14.14
C THR B 64 5.27 6.26 -13.72
N GLY B 65 4.37 6.43 -14.69
CA GLY B 65 2.95 6.72 -14.43
C GLY B 65 2.14 5.44 -14.32
N VAL B 66 2.81 4.30 -14.16
CA VAL B 66 2.15 2.99 -13.89
C VAL B 66 2.17 2.77 -12.38
N ARG B 67 1.00 2.91 -11.76
CA ARG B 67 0.80 2.78 -10.29
C ARG B 67 0.12 1.43 -10.03
N ILE B 68 0.83 0.53 -9.35
CA ILE B 68 0.37 -0.84 -9.04
C ILE B 68 0.27 -0.99 -7.53
N ARG B 69 -0.93 -1.21 -7.00
CA ARG B 69 -1.12 -1.42 -5.54
C ARG B 69 -2.18 -2.50 -5.30
N ASN B 70 -2.60 -2.69 -4.05
CA ASN B 70 -3.51 -3.77 -3.62
C ASN B 70 -2.94 -5.13 -4.05
N VAL B 71 -1.65 -5.31 -3.82
CA VAL B 71 -0.87 -6.51 -4.21
C VAL B 71 -1.26 -7.65 -3.29
N GLN B 72 -1.68 -8.79 -3.85
CA GLN B 72 -2.00 -10.01 -3.08
C GLN B 72 -1.23 -11.21 -3.62
N VAL B 73 -0.91 -12.12 -2.72
CA VAL B 73 -0.44 -13.50 -3.06
C VAL B 73 -1.46 -14.47 -2.49
N PRO B 74 -2.49 -14.85 -3.28
CA PRO B 74 -3.55 -15.76 -2.83
C PRO B 74 -3.04 -16.99 -2.08
N ASP B 75 -2.23 -17.85 -2.73
CA ASP B 75 -1.60 -19.05 -2.11
C ASP B 75 -0.34 -19.45 -2.88
N ILE B 76 0.80 -19.56 -2.20
CA ILE B 76 2.03 -20.21 -2.75
C ILE B 76 1.81 -21.72 -2.67
N THR B 77 1.89 -22.40 -3.80
CA THR B 77 1.75 -23.88 -3.91
C THR B 77 3.08 -24.43 -4.43
N MET B 78 3.40 -25.63 -3.98
CA MET B 78 4.56 -26.43 -4.43
C MET B 78 4.04 -27.80 -4.87
N GLU B 79 4.28 -28.16 -6.13
CA GLU B 79 3.93 -29.50 -6.68
C GLU B 79 5.24 -30.26 -6.92
N ALA B 80 5.41 -31.37 -6.20
CA ALA B 80 6.52 -32.33 -6.38
C ALA B 80 6.52 -32.82 -7.82
N THR B 81 7.67 -32.66 -8.49
CA THR B 81 7.95 -33.20 -9.85
C THR B 81 8.69 -34.52 -9.72
N SER B 82 9.45 -34.71 -8.65
CA SER B 82 10.14 -35.99 -8.30
C SER B 82 10.30 -36.05 -6.78
N GLU B 83 11.05 -37.01 -6.27
CA GLU B 83 11.35 -37.20 -4.82
C GLU B 83 12.11 -35.96 -4.28
N ASN B 84 12.93 -35.32 -5.12
CA ASN B 84 13.89 -34.27 -4.67
C ASN B 84 13.81 -33.06 -5.61
N SER B 85 12.65 -32.81 -6.20
CA SER B 85 12.38 -31.62 -7.06
C SER B 85 10.89 -31.25 -6.98
N ALA B 86 10.59 -29.96 -7.12
CA ALA B 86 9.22 -29.43 -7.11
C ALA B 86 9.17 -28.15 -7.93
N ASN B 87 8.02 -27.91 -8.58
CA ASN B 87 7.65 -26.59 -9.15
C ASN B 87 7.08 -25.75 -8.02
N VAL B 88 7.59 -24.53 -7.88
CA VAL B 88 7.15 -23.53 -6.87
C VAL B 88 6.39 -22.44 -7.61
N LEU B 89 5.09 -22.26 -7.30
CA LEU B 89 4.19 -21.30 -7.96
C LEU B 89 3.80 -20.15 -7.01
N ILE B 90 3.89 -18.92 -7.51
CA ILE B 90 3.53 -17.67 -6.79
C ILE B 90 2.57 -16.87 -7.65
N PRO B 91 1.25 -16.89 -7.32
CA PRO B 91 0.27 -16.03 -7.97
C PRO B 91 0.29 -14.65 -7.33
N ILE B 92 0.36 -13.60 -8.14
CA ILE B 92 0.27 -12.18 -7.73
C ILE B 92 -0.95 -11.56 -8.40
N THR B 93 -1.78 -10.86 -7.62
CA THR B 93 -2.87 -9.98 -8.11
C THR B 93 -2.58 -8.56 -7.65
N ALA B 94 -3.01 -7.56 -8.41
CA ALA B 94 -2.83 -6.13 -8.06
C ALA B 94 -3.74 -5.30 -8.95
N ASP B 95 -4.06 -4.10 -8.49
CA ASP B 95 -4.84 -3.10 -9.23
C ASP B 95 -3.79 -2.16 -9.85
N VAL B 96 -4.00 -1.82 -11.11
CA VAL B 96 -3.06 -0.97 -11.88
C VAL B 96 -3.83 0.24 -12.41
N THR B 97 -3.23 1.42 -12.32
CA THR B 97 -3.71 2.64 -13.00
C THR B 97 -2.54 3.21 -13.79
N VAL B 98 -2.78 3.48 -15.08
CA VAL B 98 -1.79 4.11 -15.99
C VAL B 98 -2.19 5.57 -16.17
N SER B 99 -1.22 6.47 -16.01
CA SER B 99 -1.36 7.94 -16.22
C SER B 99 -0.41 8.37 -17.34
N LEU B 100 -0.84 9.29 -18.20
CA LEU B 100 0.05 9.96 -19.19
C LEU B 100 0.01 11.47 -18.94
N PRO B 101 1.01 12.23 -19.44
CA PRO B 101 0.94 13.68 -19.40
C PRO B 101 -0.32 14.23 -20.09
N PHE B 102 -0.97 15.21 -19.46
CA PHE B 102 -2.13 16.00 -19.95
C PHE B 102 -3.45 15.23 -19.78
N LEU B 103 -3.43 13.90 -19.95
CA LEU B 103 -4.64 13.05 -19.88
C LEU B 103 -4.94 12.66 -18.42
N GLY B 104 -3.92 12.66 -17.55
CA GLY B 104 -4.02 12.01 -16.24
C GLY B 104 -4.28 10.52 -16.39
N GLU B 105 -5.19 9.97 -15.59
CA GLU B 105 -5.47 8.52 -15.49
C GLU B 105 -6.18 8.02 -16.75
N ILE B 106 -5.53 7.15 -17.54
CA ILE B 106 -6.08 6.75 -18.87
C ILE B 106 -6.78 5.38 -18.76
N VAL B 107 -6.41 4.52 -17.81
CA VAL B 107 -7.01 3.17 -17.70
C VAL B 107 -6.73 2.58 -16.32
N ASP B 108 -7.70 1.84 -15.78
CA ASP B 108 -7.57 0.94 -14.62
C ASP B 108 -7.62 -0.50 -15.12
N LEU B 109 -6.65 -1.31 -14.71
CA LEU B 109 -6.49 -2.73 -15.11
C LEU B 109 -6.44 -3.60 -13.86
N ASP B 110 -6.90 -4.85 -13.98
CA ASP B 110 -6.55 -5.97 -13.07
C ASP B 110 -5.27 -6.63 -13.59
N LEU B 111 -4.28 -6.83 -12.72
CA LEU B 111 -3.03 -7.56 -13.05
C LEU B 111 -3.06 -8.93 -12.37
N ASN B 112 -2.77 -9.98 -13.14
CA ASN B 112 -2.41 -11.33 -12.64
C ASN B 112 -1.00 -11.66 -13.15
N VAL B 113 -0.11 -12.02 -12.26
CA VAL B 113 1.24 -12.54 -12.62
C VAL B 113 1.36 -13.90 -11.93
N ASP B 114 1.77 -14.90 -12.70
CA ASP B 114 2.12 -16.26 -12.21
C ASP B 114 3.62 -16.47 -12.42
N LEU B 115 4.41 -16.36 -11.36
CA LEU B 115 5.85 -16.73 -11.36
C LEU B 115 5.93 -18.25 -11.10
N GLN B 116 6.77 -18.96 -11.87
CA GLN B 116 7.12 -20.38 -11.60
C GLN B 116 8.65 -20.52 -11.66
N THR B 117 9.23 -21.24 -10.70
CA THR B 117 10.61 -21.77 -10.78
C THR B 117 10.59 -23.19 -10.21
N THR B 118 11.70 -23.92 -10.36
CA THR B 118 11.91 -25.25 -9.75
C THR B 118 12.96 -25.13 -8.65
N VAL B 119 12.84 -25.94 -7.61
CA VAL B 119 13.87 -26.18 -6.57
C VAL B 119 14.21 -27.67 -6.57
N SER B 120 15.49 -28.03 -6.66
CA SER B 120 16.01 -29.42 -6.61
C SER B 120 17.03 -29.55 -5.48
N ILE B 121 17.27 -30.79 -5.04
CA ILE B 121 18.45 -31.17 -4.23
C ILE B 121 19.45 -31.90 -5.12
N GLU B 122 20.73 -31.51 -5.06
CA GLU B 122 21.85 -32.13 -5.82
C GLU B 122 22.54 -33.17 -4.93
N GLN B 129 23.26 -29.60 -1.39
CA GLN B 129 23.26 -28.63 -2.52
C GLN B 129 21.84 -28.41 -3.05
N VAL B 130 21.26 -27.22 -2.83
CA VAL B 130 19.97 -26.79 -3.43
C VAL B 130 20.27 -26.08 -4.75
N VAL B 131 19.57 -26.45 -5.83
CA VAL B 131 19.59 -25.76 -7.14
C VAL B 131 18.23 -25.11 -7.33
N VAL B 132 18.18 -23.81 -7.61
CA VAL B 132 16.93 -23.15 -8.07
C VAL B 132 17.06 -23.03 -9.60
N GLY B 133 16.04 -23.48 -10.31
CA GLY B 133 15.95 -23.38 -11.78
C GLY B 133 15.81 -21.94 -12.23
N GLU B 134 15.60 -21.68 -13.52
CA GLU B 134 15.41 -20.30 -14.02
C GLU B 134 13.99 -19.85 -13.65
N CYS B 135 13.80 -18.54 -13.53
CA CYS B 135 12.49 -17.90 -13.33
C CYS B 135 12.10 -17.19 -14.62
N THR B 136 11.31 -17.86 -15.45
CA THR B 136 11.01 -17.47 -16.85
C THR B 136 9.94 -16.36 -16.87
N ASN B 137 10.26 -15.26 -17.52
CA ASN B 137 9.37 -14.10 -17.75
C ASN B 137 8.57 -14.33 -19.03
N ASN B 138 7.64 -15.28 -19.03
CA ASN B 138 6.81 -15.60 -20.22
C ASN B 138 5.69 -14.56 -20.31
N PRO B 139 5.49 -13.87 -21.46
CA PRO B 139 4.40 -12.90 -21.58
C PRO B 139 3.00 -13.49 -21.31
N GLU B 140 2.80 -14.81 -21.50
CA GLU B 140 1.51 -15.50 -21.20
C GLU B 140 1.26 -15.55 -19.68
N SER B 141 2.31 -15.37 -18.87
CA SER B 141 2.25 -15.42 -17.40
C SER B 141 1.85 -14.04 -16.83
N ILE B 142 1.87 -12.97 -17.64
CA ILE B 142 1.32 -11.63 -17.28
C ILE B 142 -0.03 -11.42 -17.96
N SER B 143 -1.06 -11.15 -17.18
CA SER B 143 -2.45 -10.95 -17.65
C SER B 143 -2.96 -9.59 -17.14
N LEU B 144 -3.45 -8.78 -18.06
CA LEU B 144 -3.95 -7.41 -17.79
C LEU B 144 -5.37 -7.30 -18.35
N THR B 145 -6.33 -6.99 -17.50
CA THR B 145 -7.77 -6.89 -17.86
C THR B 145 -8.20 -5.45 -17.66
N VAL B 146 -8.89 -4.86 -18.64
CA VAL B 146 -9.41 -3.47 -18.59
C VAL B 146 -10.65 -3.47 -17.69
N LEU B 147 -10.68 -2.61 -16.68
CA LEU B 147 -11.87 -2.41 -15.79
C LEU B 147 -12.57 -1.11 -16.16
N HIS B 148 -11.84 -0.02 -16.41
CA HIS B 148 -12.41 1.33 -16.59
C HIS B 148 -11.45 2.22 -17.39
N SER B 149 -12.00 3.02 -18.30
CA SER B 149 -11.28 4.11 -18.99
C SER B 149 -12.22 5.27 -19.23
N ARG B 150 -11.74 6.48 -18.94
CA ARG B 150 -12.36 7.79 -19.29
C ARG B 150 -12.51 7.89 -20.82
N PHE B 151 -11.61 7.25 -21.58
CA PHE B 151 -11.41 7.49 -23.04
C PHE B 151 -11.97 6.34 -23.88
N GLY B 152 -12.80 5.46 -23.30
CA GLY B 152 -13.49 4.38 -24.04
C GLY B 152 -12.74 3.05 -23.95
N LEU B 153 -13.49 1.94 -23.84
CA LEU B 153 -12.97 0.63 -23.38
C LEU B 153 -12.12 -0.06 -24.47
N VAL B 154 -12.32 0.23 -25.75
CA VAL B 154 -11.64 -0.52 -26.86
C VAL B 154 -10.93 0.44 -27.82
N ASN B 155 -10.87 1.75 -27.53
CA ASN B 155 -10.15 2.75 -28.37
C ASN B 155 -8.64 2.66 -28.11
N ASP B 156 -7.84 3.40 -28.88
CA ASP B 156 -6.36 3.27 -28.90
C ASP B 156 -5.74 3.82 -27.60
N VAL B 157 -6.43 4.67 -26.84
CA VAL B 157 -5.90 5.17 -25.53
C VAL B 157 -5.64 3.95 -24.63
N VAL B 158 -6.62 3.07 -24.55
CA VAL B 158 -6.55 1.88 -23.65
C VAL B 158 -5.35 1.02 -24.09
N ASP B 159 -5.23 0.71 -25.38
CA ASP B 159 -4.14 -0.13 -25.94
C ASP B 159 -2.78 0.41 -25.53
N ILE B 160 -2.59 1.72 -25.60
CA ILE B 160 -1.32 2.39 -25.19
C ILE B 160 -1.12 2.18 -23.68
N GLY B 161 -2.19 2.32 -22.90
CA GLY B 161 -2.16 2.09 -21.45
C GLY B 161 -1.75 0.66 -21.10
N VAL B 162 -2.41 -0.31 -21.71
CA VAL B 162 -2.19 -1.77 -21.49
C VAL B 162 -0.76 -2.12 -21.92
N ASN B 163 -0.31 -1.57 -23.06
CA ASN B 163 1.06 -1.82 -23.56
C ASN B 163 2.08 -1.25 -22.57
N LEU B 164 1.89 -0.03 -22.07
CA LEU B 164 2.88 0.58 -21.13
C LEU B 164 2.93 -0.28 -19.86
N ALA B 165 1.78 -0.68 -19.32
CA ALA B 165 1.70 -1.53 -18.09
C ALA B 165 2.42 -2.86 -18.31
N ARG B 166 2.19 -3.51 -19.45
CA ARG B 166 2.84 -4.80 -19.78
C ARG B 166 4.36 -4.60 -19.73
N ARG B 167 4.88 -3.59 -20.42
CA ARG B 167 6.34 -3.38 -20.48
C ARG B 167 6.87 -3.15 -19.06
N VAL B 168 6.19 -2.33 -18.26
CA VAL B 168 6.69 -2.01 -16.88
C VAL B 168 6.71 -3.32 -16.08
N VAL B 169 5.59 -4.03 -16.06
CA VAL B 169 5.44 -5.28 -15.24
C VAL B 169 6.47 -6.31 -15.72
N SER B 170 6.62 -6.45 -17.03
CA SER B 170 7.59 -7.40 -17.64
C SER B 170 9.01 -7.06 -17.19
N SER B 171 9.38 -5.78 -17.22
CA SER B 171 10.77 -5.36 -16.86
C SER B 171 10.98 -5.49 -15.35
N VAL B 172 9.94 -5.33 -14.52
CA VAL B 172 10.08 -5.49 -13.04
C VAL B 172 10.10 -6.99 -12.70
N VAL B 173 9.36 -7.83 -13.42
CA VAL B 173 9.45 -9.31 -13.22
C VAL B 173 10.91 -9.72 -13.49
N GLU B 174 11.47 -9.35 -14.64
CA GLU B 174 12.82 -9.79 -15.06
C GLU B 174 13.86 -9.22 -14.10
N GLY B 175 13.74 -7.93 -13.74
CA GLY B 175 14.78 -7.16 -13.04
C GLY B 175 14.78 -7.36 -11.53
N GLU B 176 13.62 -7.64 -10.93
CA GLU B 176 13.46 -7.61 -9.45
C GLU B 176 12.82 -8.89 -8.92
N LEU B 177 11.64 -9.25 -9.42
CA LEU B 177 10.82 -10.29 -8.76
C LEU B 177 11.44 -11.67 -8.97
N CYS B 178 11.74 -12.04 -10.21
CA CYS B 178 12.31 -13.38 -10.54
C CYS B 178 13.64 -13.53 -9.82
N PRO B 179 14.58 -12.57 -9.92
CA PRO B 179 15.84 -12.66 -9.17
C PRO B 179 15.66 -12.80 -7.65
N ARG B 180 14.72 -12.09 -7.03
CA ARG B 180 14.49 -12.17 -5.57
C ARG B 180 13.85 -13.51 -5.21
N PHE B 181 12.97 -14.01 -6.06
CA PHE B 181 12.34 -15.35 -5.92
C PHE B 181 13.45 -16.40 -5.87
N ARG B 182 14.40 -16.34 -6.82
CA ARG B 182 15.53 -17.30 -6.89
C ARG B 182 16.40 -17.10 -5.64
N GLU B 183 16.77 -15.86 -5.33
CA GLU B 183 17.67 -15.53 -4.19
C GLU B 183 17.07 -16.10 -2.89
N LEU B 184 15.76 -16.00 -2.69
CA LEU B 184 15.12 -16.45 -1.42
C LEU B 184 15.12 -17.98 -1.32
N LEU B 185 14.91 -18.67 -2.44
CA LEU B 185 14.93 -20.15 -2.50
C LEU B 185 16.37 -20.65 -2.27
N GLU B 186 17.39 -20.00 -2.85
CA GLU B 186 18.81 -20.39 -2.69
C GLU B 186 19.29 -20.20 -1.24
N SER B 187 18.55 -19.47 -0.41
CA SER B 187 18.90 -19.21 1.02
C SER B 187 18.51 -20.41 1.88
N LEU B 188 17.61 -21.27 1.40
CA LEU B 188 17.13 -22.49 2.10
C LEU B 188 18.26 -23.53 2.13
N ASP B 189 18.47 -24.20 3.25
CA ASP B 189 19.42 -25.34 3.36
C ASP B 189 18.72 -26.56 2.74
N ALA B 190 19.49 -27.59 2.37
CA ALA B 190 19.04 -28.80 1.63
C ALA B 190 17.90 -29.51 2.37
N GLU B 191 18.01 -29.66 3.70
CA GLU B 191 17.03 -30.38 4.54
C GLU B 191 15.69 -29.64 4.50
N CYS B 192 15.73 -28.31 4.56
CA CYS B 192 14.53 -27.42 4.53
C CYS B 192 13.74 -27.73 3.24
N VAL B 193 14.41 -27.73 2.10
CA VAL B 193 13.84 -28.05 0.76
C VAL B 193 13.26 -29.47 0.77
N GLU B 194 14.00 -30.45 1.29
CA GLU B 194 13.57 -31.88 1.41
C GLU B 194 12.27 -31.95 2.22
N LYS B 195 12.20 -31.20 3.33
CA LYS B 195 11.03 -31.12 4.24
C LYS B 195 9.83 -30.52 3.51
N LEU B 196 10.04 -29.44 2.74
CA LEU B 196 8.96 -28.71 2.00
C LEU B 196 8.45 -29.54 0.82
N ILE B 197 9.34 -30.23 0.10
CA ILE B 197 8.99 -31.19 -1.01
C ILE B 197 8.22 -32.37 -0.40
N GLY B 198 8.51 -32.71 0.86
CA GLY B 198 7.68 -33.59 1.71
C GLY B 198 6.18 -33.43 1.47
N GLU B 199 5.73 -32.21 1.19
CA GLU B 199 4.32 -31.87 0.83
C GLU B 199 4.20 -31.76 -0.69
N SER B 200 3.91 -32.89 -1.35
CA SER B 200 3.80 -33.04 -2.82
C SER B 200 2.65 -32.19 -3.38
#